data_8GR2
#
_entry.id   8GR2
#
_cell.length_a   55.208
_cell.length_b   55.208
_cell.length_c   136.683
_cell.angle_alpha   90.000
_cell.angle_beta   90.000
_cell.angle_gamma   120.000
#
_symmetry.space_group_name_H-M   'P 61'
#
loop_
_entity.id
_entity.type
_entity.pdbx_description
1 polymer 'DUF459 domain-containing protein'
2 non-polymer 'SULFATE ION'
3 water water
#
_entity_poly.entity_id   1
_entity_poly.type   'polypeptide(L)'
_entity_poly.pdbx_seq_one_letter_code
;SAKDPNISFIDNTKLELQNGDEFLFIGDSLMQGVAIALNRDLRNLNLKVTDLSKQNTGLSYKSYFDWSKATNEAFIKNSN
IKYLVVLLGANDPWDIKKGGNYHRFGSPSWIDIYTSRVDEIIKIAKKHKAKVFWFEIPPVKKEDLNKKIQVLNKIYSDEI
LKNKEIFINTKLFFSVNDEYSAYIKDENNRSIKVRTDDGVHFTPSGAREMSKLLLEHIKLKEENASK
;
_entity_poly.pdbx_strand_id   A
#
loop_
_chem_comp.id
_chem_comp.type
_chem_comp.name
_chem_comp.formula
SO4 non-polymer 'SULFATE ION' 'O4 S -2'
#
# COMPACT_ATOMS: atom_id res chain seq x y z
N ASN A 6 10.07 -3.26 -14.55
CA ASN A 6 9.20 -2.98 -13.40
C ASN A 6 7.71 -3.19 -13.72
N ILE A 7 7.42 -4.01 -14.72
CA ILE A 7 6.06 -4.21 -15.20
C ILE A 7 5.32 -5.20 -14.30
N SER A 8 4.05 -4.92 -14.02
CA SER A 8 3.29 -5.85 -13.19
C SER A 8 2.19 -6.56 -14.00
N PHE A 9 0.95 -6.52 -13.51
CA PHE A 9 -0.20 -7.24 -14.06
C PHE A 9 -1.43 -6.46 -13.60
N ILE A 10 -2.57 -6.77 -14.21
CA ILE A 10 -3.87 -6.22 -13.80
C ILE A 10 -4.57 -7.30 -12.98
N ASP A 11 -4.88 -7.01 -11.72
CA ASP A 11 -5.46 -8.02 -10.84
C ASP A 11 -6.97 -7.89 -10.90
N ASN A 12 -7.65 -8.93 -11.43
CA ASN A 12 -9.10 -8.97 -11.52
C ASN A 12 -9.75 -9.73 -10.37
N THR A 13 -9.01 -10.02 -9.29
CA THR A 13 -9.54 -10.85 -8.21
C THR A 13 -10.59 -10.10 -7.40
N LYS A 14 -11.71 -10.78 -7.10
CA LYS A 14 -12.70 -10.26 -6.17
C LYS A 14 -12.97 -11.29 -5.08
N LEU A 15 -12.95 -10.84 -3.83
CA LEU A 15 -13.27 -11.66 -2.67
C LEU A 15 -14.70 -11.42 -2.21
N GLU A 16 -15.32 -12.46 -1.66
CA GLU A 16 -16.59 -12.33 -0.99
C GLU A 16 -16.35 -12.25 0.52
N LEU A 17 -16.95 -11.25 1.15
CA LEU A 17 -16.76 -11.07 2.59
C LEU A 17 -17.84 -11.79 3.39
N ASP A 21 -15.85 -10.90 9.93
CA ASP A 21 -14.96 -10.26 8.97
C ASP A 21 -14.46 -8.91 9.47
N GLU A 22 -13.26 -8.89 10.04
CA GLU A 22 -12.65 -7.65 10.48
C GLU A 22 -11.45 -7.31 9.61
N PHE A 23 -11.16 -6.01 9.51
CA PHE A 23 -10.07 -5.46 8.71
C PHE A 23 -9.00 -4.86 9.62
N LEU A 24 -7.76 -4.90 9.14
CA LEU A 24 -6.64 -4.22 9.75
C LEU A 24 -5.93 -3.42 8.68
N PHE A 25 -5.70 -2.13 8.95
CA PHE A 25 -4.94 -1.26 8.05
C PHE A 25 -3.53 -1.08 8.61
N ILE A 26 -2.50 -1.23 7.76
CA ILE A 26 -1.14 -0.87 8.16
C ILE A 26 -0.50 -0.01 7.06
N GLY A 27 0.52 0.74 7.45
CA GLY A 27 1.26 1.49 6.46
C GLY A 27 1.61 2.88 6.96
N ASP A 28 1.96 3.76 6.02
CA ASP A 28 2.49 5.07 6.37
C ASP A 28 1.43 6.16 6.23
N SER A 29 1.87 7.40 6.00
CA SER A 29 0.91 8.50 5.88
C SER A 29 0.05 8.38 4.63
N LEU A 30 0.48 7.62 3.62
CA LEU A 30 -0.41 7.35 2.50
C LEU A 30 -1.59 6.50 2.96
N MET A 31 -1.32 5.45 3.73
CA MET A 31 -2.41 4.66 4.29
C MET A 31 -3.26 5.50 5.24
N GLN A 32 -2.63 6.39 6.02
CA GLN A 32 -3.42 7.22 6.93
C GLN A 32 -4.45 8.03 6.17
N GLY A 33 -4.08 8.55 4.99
CA GLY A 33 -5.02 9.35 4.23
C GLY A 33 -6.11 8.50 3.59
N VAL A 34 -5.73 7.39 2.98
CA VAL A 34 -6.70 6.48 2.38
C VAL A 34 -7.64 5.92 3.44
N ALA A 35 -7.10 5.67 4.64
CA ALA A 35 -7.88 5.04 5.70
C ALA A 35 -9.08 5.88 6.10
N ILE A 36 -8.96 7.20 6.03
CA ILE A 36 -10.11 8.03 6.39
C ILE A 36 -11.31 7.71 5.51
N ALA A 37 -11.07 7.56 4.20
CA ALA A 37 -12.15 7.23 3.28
C ALA A 37 -12.54 5.76 3.39
N LEU A 38 -11.55 4.87 3.44
CA LEU A 38 -11.84 3.43 3.43
C LEU A 38 -12.56 3.00 4.70
N ASN A 39 -12.18 3.58 5.85
CA ASN A 39 -12.92 3.30 7.08
C ASN A 39 -14.39 3.61 6.91
N ARG A 40 -14.72 4.75 6.31
CA ARG A 40 -16.11 5.12 6.14
C ARG A 40 -16.83 4.15 5.22
N ASP A 41 -16.18 3.74 4.13
CA ASP A 41 -16.83 2.81 3.19
C ASP A 41 -17.07 1.45 3.82
N LEU A 42 -16.10 0.94 4.58
CA LEU A 42 -16.28 -0.32 5.28
C LEU A 42 -17.27 -0.19 6.42
N ARG A 43 -17.29 0.96 7.10
CA ARG A 43 -18.28 1.18 8.14
C ARG A 43 -19.69 1.10 7.57
N ASN A 44 -19.88 1.60 6.35
CA ASN A 44 -21.18 1.51 5.68
C ASN A 44 -21.59 0.08 5.39
N LEU A 45 -20.66 -0.89 5.46
CA LEU A 45 -20.96 -2.29 5.24
C LEU A 45 -20.98 -3.10 6.54
N ASN A 46 -21.01 -2.43 7.70
CA ASN A 46 -20.98 -3.10 9.00
C ASN A 46 -19.73 -3.97 9.14
N LEU A 47 -18.59 -3.43 8.70
CA LEU A 47 -17.32 -4.11 8.80
C LEU A 47 -16.46 -3.39 9.84
N LYS A 48 -15.84 -4.17 10.73
CA LYS A 48 -15.02 -3.60 11.79
C LYS A 48 -13.62 -3.33 11.27
N VAL A 49 -13.04 -2.21 11.70
CA VAL A 49 -11.76 -1.73 11.21
C VAL A 49 -10.84 -1.45 12.39
N THR A 50 -9.62 -1.97 12.33
CA THR A 50 -8.54 -1.52 13.19
C THR A 50 -7.52 -0.82 12.31
N ASP A 51 -7.27 0.46 12.58
CA ASP A 51 -6.40 1.27 11.73
C ASP A 51 -5.13 1.59 12.49
N LEU A 52 -4.02 0.94 12.11
CA LEU A 52 -2.74 1.16 12.77
C LEU A 52 -1.81 2.04 11.97
N SER A 53 -2.25 2.56 10.82
CA SER A 53 -1.37 3.33 9.95
C SER A 53 -0.71 4.45 10.75
N LYS A 54 0.56 4.72 10.41
CA LYS A 54 1.40 5.53 11.26
C LYS A 54 2.36 6.32 10.39
N GLN A 55 2.39 7.64 10.59
CA GLN A 55 3.27 8.46 9.79
C GLN A 55 4.73 8.12 10.08
N ASN A 56 5.59 8.37 9.10
CA ASN A 56 7.02 8.24 9.23
C ASN A 56 7.47 6.78 9.41
N THR A 57 6.70 5.83 8.88
CA THR A 57 7.09 4.43 8.91
C THR A 57 7.33 3.95 7.50
N GLY A 58 7.91 2.76 7.43
CA GLY A 58 8.17 2.10 6.15
C GLY A 58 8.96 0.85 6.40
N LEU A 59 9.03 0.00 5.38
CA LEU A 59 9.79 -1.23 5.55
C LEU A 59 11.29 -0.96 5.63
N SER A 60 11.78 0.11 5.01
CA SER A 60 13.19 0.43 5.10
C SER A 60 13.58 0.93 6.47
N TYR A 61 12.61 1.47 7.22
CA TYR A 61 12.85 1.96 8.58
C TYR A 61 12.55 0.91 9.64
N LYS A 62 12.69 -0.37 9.30
CA LYS A 62 12.31 -1.47 10.18
C LYS A 62 12.94 -1.36 11.58
N SER A 63 14.19 -0.91 11.66
CA SER A 63 14.84 -0.81 12.97
C SER A 63 14.18 0.25 13.85
N TYR A 64 13.56 1.26 13.25
CA TYR A 64 12.88 2.30 14.02
C TYR A 64 11.48 1.86 14.41
N PHE A 65 10.73 1.31 13.46
CA PHE A 65 9.41 0.77 13.71
C PHE A 65 9.23 -0.43 12.78
N ASP A 66 9.03 -1.61 13.36
CA ASP A 66 8.98 -2.86 12.59
C ASP A 66 7.53 -3.23 12.31
N TRP A 67 7.08 -3.04 11.06
CA TRP A 67 5.70 -3.38 10.73
C TRP A 67 5.43 -4.87 10.85
N SER A 68 6.45 -5.73 10.74
CA SER A 68 6.17 -7.15 10.88
C SER A 68 5.82 -7.48 12.32
N LYS A 69 6.55 -6.90 13.29
CA LYS A 69 6.21 -7.10 14.69
C LYS A 69 4.85 -6.50 15.01
N ALA A 70 4.60 -5.27 14.54
CA ALA A 70 3.34 -4.60 14.89
C ALA A 70 2.15 -5.33 14.31
N THR A 71 2.30 -5.86 13.10
CA THR A 71 1.20 -6.58 12.46
C THR A 71 0.93 -7.90 13.19
N ASN A 72 1.98 -8.65 13.52
CA ASN A 72 1.80 -9.89 14.24
C ASN A 72 1.10 -9.64 15.57
N GLU A 73 1.53 -8.62 16.31
CA GLU A 73 0.90 -8.32 17.59
C GLU A 73 -0.57 -7.97 17.44
N ALA A 74 -0.92 -7.24 16.36
CA ALA A 74 -2.31 -6.91 16.10
C ALA A 74 -3.16 -8.16 15.89
N PHE A 75 -2.63 -9.13 15.14
CA PHE A 75 -3.35 -10.38 14.92
C PHE A 75 -3.49 -11.17 16.22
N ILE A 76 -2.44 -11.16 17.06
CA ILE A 76 -2.50 -11.86 18.34
C ILE A 76 -3.56 -11.25 19.25
N LYS A 77 -3.76 -9.93 19.18
CA LYS A 77 -4.76 -9.29 20.03
C LYS A 77 -6.18 -9.47 19.53
N ASN A 78 -6.37 -9.78 18.24
CA ASN A 78 -7.72 -9.83 17.65
C ASN A 78 -7.72 -10.94 16.60
N SER A 79 -8.11 -12.15 17.02
CA SER A 79 -8.12 -13.28 16.11
C SER A 79 -9.24 -13.20 15.07
N ASN A 80 -10.13 -12.21 15.15
CA ASN A 80 -11.17 -12.03 14.16
C ASN A 80 -10.73 -11.22 12.95
N ILE A 81 -9.52 -10.66 12.96
CA ILE A 81 -9.04 -9.95 11.79
C ILE A 81 -8.76 -10.95 10.67
N LYS A 82 -9.42 -10.76 9.54
CA LYS A 82 -9.31 -11.66 8.40
C LYS A 82 -8.81 -10.98 7.14
N TYR A 83 -8.63 -9.66 7.14
CA TYR A 83 -8.18 -8.94 5.97
C TYR A 83 -7.17 -7.90 6.41
N LEU A 84 -6.04 -7.88 5.73
CA LEU A 84 -4.97 -6.92 5.97
C LEU A 84 -4.89 -6.02 4.75
N VAL A 85 -4.92 -4.71 4.98
CA VAL A 85 -4.78 -3.71 3.94
C VAL A 85 -3.45 -3.00 4.15
N VAL A 86 -2.62 -2.93 3.09
CA VAL A 86 -1.28 -2.38 3.19
C VAL A 86 -1.12 -1.25 2.17
N LEU A 87 -0.61 -0.11 2.64
CA LEU A 87 -0.15 0.96 1.74
C LEU A 87 1.03 1.63 2.39
N LEU A 88 2.22 1.44 1.83
CA LEU A 88 3.43 2.06 2.37
C LEU A 88 4.42 2.20 1.23
N GLY A 89 5.59 2.76 1.57
CA GLY A 89 6.72 2.81 0.67
C GLY A 89 7.18 4.21 0.32
N ALA A 90 6.37 5.24 0.60
CA ALA A 90 6.77 6.61 0.27
C ALA A 90 8.08 6.99 0.94
N ASN A 91 8.35 6.44 2.12
CA ASN A 91 9.56 6.77 2.86
C ASN A 91 10.72 5.81 2.58
N ASP A 92 10.49 4.79 1.77
CA ASP A 92 11.40 3.66 1.68
C ASP A 92 12.50 3.66 0.62
N PRO A 93 12.43 4.47 -0.46
CA PRO A 93 13.39 4.18 -1.56
C PRO A 93 14.74 4.87 -1.39
N TRP A 94 15.52 4.39 -0.41
CA TRP A 94 16.80 4.98 -0.05
C TRP A 94 17.75 3.86 0.33
N ASP A 95 19.05 4.15 0.27
CA ASP A 95 20.07 3.18 0.68
C ASP A 95 19.82 2.71 2.10
N ILE A 96 20.19 1.47 2.38
CA ILE A 96 20.03 0.86 3.70
C ILE A 96 21.40 0.42 4.22
N LYS A 97 21.73 0.83 5.45
CA LYS A 97 22.94 0.39 6.13
C LYS A 97 22.56 -0.58 7.24
N LYS A 98 23.22 -1.74 7.27
CA LYS A 98 23.00 -2.74 8.30
C LYS A 98 24.36 -3.10 8.88
N GLY A 99 24.68 -2.56 10.04
CA GLY A 99 26.02 -2.74 10.59
C GLY A 99 27.03 -2.09 9.68
N GLY A 100 28.06 -2.84 9.33
CA GLY A 100 29.03 -2.39 8.36
C GLY A 100 28.69 -2.69 6.93
N ASN A 101 27.54 -3.32 6.69
CA ASN A 101 27.11 -3.64 5.33
C ASN A 101 26.26 -2.52 4.77
N TYR A 102 26.48 -2.18 3.50
CA TYR A 102 25.81 -1.07 2.86
C TYR A 102 25.09 -1.56 1.61
N HIS A 103 23.83 -1.13 1.44
CA HIS A 103 23.00 -1.61 0.34
C HIS A 103 22.45 -0.41 -0.42
N ARG A 104 22.97 -0.18 -1.63
CA ARG A 104 22.49 0.95 -2.43
C ARG A 104 21.08 0.66 -2.93
N PHE A 105 20.23 1.69 -2.90
CA PHE A 105 18.86 1.51 -3.36
C PHE A 105 18.83 0.85 -4.73
N GLY A 106 17.96 -0.16 -4.87
CA GLY A 106 17.74 -0.81 -6.15
C GLY A 106 18.79 -1.81 -6.56
N SER A 107 19.88 -1.95 -5.79
CA SER A 107 20.92 -2.91 -6.09
C SER A 107 20.40 -4.31 -5.78
N PRO A 108 21.08 -5.36 -6.26
CA PRO A 108 20.54 -6.71 -6.04
C PRO A 108 20.41 -7.06 -4.56
N SER A 109 21.37 -6.70 -3.72
CA SER A 109 21.25 -7.02 -2.29
C SER A 109 20.18 -6.16 -1.63
N TRP A 110 20.01 -4.91 -2.08
CA TRP A 110 18.93 -4.07 -1.56
C TRP A 110 17.57 -4.70 -1.87
N ILE A 111 17.38 -5.14 -3.12
CA ILE A 111 16.12 -5.75 -3.49
C ILE A 111 15.87 -7.02 -2.68
N ASP A 112 16.92 -7.82 -2.43
CA ASP A 112 16.77 -8.99 -1.58
C ASP A 112 16.22 -8.61 -0.21
N ILE A 113 16.78 -7.56 0.40
CA ILE A 113 16.37 -7.17 1.75
C ILE A 113 14.95 -6.65 1.73
N TYR A 114 14.65 -5.77 0.77
CA TYR A 114 13.31 -5.17 0.75
C TYR A 114 12.26 -6.24 0.43
N THR A 115 12.57 -7.13 -0.51
CA THR A 115 11.66 -8.24 -0.82
C THR A 115 11.39 -9.09 0.41
N SER A 116 12.43 -9.38 1.19
CA SER A 116 12.24 -10.17 2.40
C SER A 116 11.32 -9.45 3.38
N ARG A 117 11.44 -8.13 3.47
CA ARG A 117 10.60 -7.40 4.42
C ARG A 117 9.15 -7.38 3.96
N VAL A 118 8.93 -7.29 2.64
CA VAL A 118 7.57 -7.40 2.11
C VAL A 118 7.01 -8.79 2.38
N ASP A 119 7.81 -9.82 2.10
CA ASP A 119 7.34 -11.19 2.28
C ASP A 119 7.00 -11.48 3.73
N GLU A 120 7.76 -10.91 4.66
CA GLU A 120 7.47 -11.07 6.09
C GLU A 120 6.02 -10.70 6.40
N ILE A 121 5.59 -9.55 5.89
CA ILE A 121 4.25 -9.04 6.18
C ILE A 121 3.21 -10.01 5.66
N ILE A 122 3.38 -10.47 4.43
CA ILE A 122 2.42 -11.38 3.83
C ILE A 122 2.42 -12.72 4.58
N LYS A 123 3.60 -13.20 4.96
CA LYS A 123 3.68 -14.46 5.70
C LYS A 123 2.95 -14.38 7.03
N ILE A 124 3.05 -13.25 7.72
CA ILE A 124 2.36 -13.10 9.00
C ILE A 124 0.86 -13.14 8.81
N ALA A 125 0.35 -12.43 7.79
CA ALA A 125 -1.08 -12.49 7.53
C ALA A 125 -1.54 -13.90 7.21
N LYS A 126 -0.77 -14.62 6.39
CA LYS A 126 -1.14 -15.99 6.03
C LYS A 126 -1.15 -16.91 7.25
N LYS A 127 -0.17 -16.74 8.14
CA LYS A 127 -0.11 -17.58 9.34
C LYS A 127 -1.36 -17.40 10.19
N HIS A 128 -1.89 -16.19 10.24
CA HIS A 128 -3.12 -15.90 10.98
C HIS A 128 -4.37 -16.08 10.12
N LYS A 129 -4.23 -16.72 8.96
CA LYS A 129 -5.35 -17.08 8.09
C LYS A 129 -6.08 -15.85 7.55
N ALA A 130 -5.35 -14.77 7.32
CA ALA A 130 -5.90 -13.54 6.78
C ALA A 130 -5.50 -13.38 5.32
N LYS A 131 -6.33 -12.67 4.57
CA LYS A 131 -6.02 -12.32 3.19
C LYS A 131 -5.49 -10.88 3.13
N VAL A 132 -4.72 -10.59 2.08
CA VAL A 132 -3.99 -9.33 1.98
C VAL A 132 -4.45 -8.56 0.75
N PHE A 133 -4.77 -7.28 0.95
CA PHE A 133 -4.93 -6.27 -0.10
C PHE A 133 -3.72 -5.36 -0.02
N TRP A 134 -2.91 -5.28 -1.07
CA TRP A 134 -1.73 -4.43 -1.06
C TRP A 134 -1.86 -3.40 -2.19
N PHE A 135 -1.89 -2.12 -1.82
CA PHE A 135 -2.03 -1.02 -2.79
C PHE A 135 -0.72 -0.75 -3.52
N GLU A 136 -0.81 -0.63 -4.84
CA GLU A 136 0.24 0.01 -5.60
C GLU A 136 0.37 1.47 -5.16
N ILE A 137 1.60 1.96 -5.00
CA ILE A 137 1.78 3.38 -4.74
C ILE A 137 1.50 4.13 -6.03
N PRO A 138 0.55 5.07 -6.06
CA PRO A 138 0.29 5.81 -7.31
C PRO A 138 1.43 6.76 -7.62
N PRO A 139 1.49 7.27 -8.85
CA PRO A 139 2.62 8.12 -9.26
C PRO A 139 2.77 9.32 -8.33
N VAL A 140 4.01 9.77 -8.18
CA VAL A 140 4.30 10.99 -7.43
C VAL A 140 4.89 12.02 -8.39
N LYS A 141 4.83 13.28 -7.97
CA LYS A 141 5.14 14.39 -8.88
C LYS A 141 6.63 14.45 -9.22
N LYS A 142 7.50 14.26 -8.23
CA LYS A 142 8.94 14.36 -8.44
C LYS A 142 9.42 13.15 -9.25
N GLU A 143 10.09 13.44 -10.38
CA GLU A 143 10.43 12.39 -11.33
C GLU A 143 11.40 11.37 -10.72
N ASP A 144 12.42 11.84 -10.01
CA ASP A 144 13.40 10.91 -9.44
C ASP A 144 12.76 9.99 -8.41
N LEU A 145 11.88 10.55 -7.56
CA LEU A 145 11.17 9.72 -6.60
C LEU A 145 10.22 8.76 -7.31
N ASN A 146 9.52 9.25 -8.34
CA ASN A 146 8.56 8.41 -9.06
C ASN A 146 9.26 7.20 -9.68
N LYS A 147 10.46 7.40 -10.23
CA LYS A 147 11.19 6.26 -10.79
C LYS A 147 11.48 5.23 -9.71
N LYS A 148 11.85 5.68 -8.51
CA LYS A 148 12.18 4.74 -7.44
C LYS A 148 10.93 4.02 -6.94
N ILE A 149 9.80 4.71 -6.81
CA ILE A 149 8.64 4.02 -6.27
C ILE A 149 8.14 2.96 -7.25
N GLN A 150 8.43 3.09 -8.55
CA GLN A 150 8.05 2.04 -9.48
C GLN A 150 8.82 0.75 -9.19
N VAL A 151 10.05 0.86 -8.68
CA VAL A 151 10.80 -0.31 -8.24
C VAL A 151 10.11 -0.96 -7.04
N LEU A 152 9.71 -0.16 -6.06
CA LEU A 152 8.97 -0.69 -4.91
C LEU A 152 7.71 -1.40 -5.36
N ASN A 153 6.96 -0.78 -6.27
CA ASN A 153 5.70 -1.37 -6.72
C ASN A 153 5.92 -2.70 -7.42
N LYS A 154 7.01 -2.85 -8.16
CA LYS A 154 7.29 -4.13 -8.80
C LYS A 154 7.52 -5.22 -7.76
N ILE A 155 8.23 -4.88 -6.68
CA ILE A 155 8.44 -5.84 -5.60
C ILE A 155 7.11 -6.20 -4.94
N TYR A 156 6.29 -5.21 -4.58
CA TYR A 156 4.99 -5.53 -3.99
C TYR A 156 4.20 -6.46 -4.89
N SER A 157 4.12 -6.12 -6.17
CA SER A 157 3.28 -6.91 -7.07
C SER A 157 3.84 -8.33 -7.25
N ASP A 158 5.17 -8.46 -7.36
CA ASP A 158 5.79 -9.77 -7.48
C ASP A 158 5.50 -10.65 -6.27
N GLU A 159 5.61 -10.07 -5.08
CA GLU A 159 5.42 -10.85 -3.86
C GLU A 159 3.95 -11.15 -3.62
N ILE A 160 3.06 -10.24 -3.98
CA ILE A 160 1.63 -10.50 -3.87
C ILE A 160 1.22 -11.60 -4.85
N LEU A 161 1.80 -11.59 -6.05
CA LEU A 161 1.49 -12.62 -7.04
C LEU A 161 1.94 -13.99 -6.55
N LYS A 162 3.19 -14.09 -6.07
CA LYS A 162 3.71 -15.39 -5.65
C LYS A 162 2.93 -15.95 -4.48
N ASN A 163 2.41 -15.07 -3.61
CA ASN A 163 1.62 -15.49 -2.48
C ASN A 163 0.13 -15.54 -2.78
N LYS A 164 -0.27 -15.24 -4.02
CA LYS A 164 -1.66 -15.31 -4.46
C LYS A 164 -2.59 -14.46 -3.58
N GLU A 165 -2.13 -13.27 -3.23
CA GLU A 165 -3.01 -12.32 -2.56
C GLU A 165 -3.50 -11.30 -3.59
N ILE A 166 -3.96 -10.13 -3.13
CA ILE A 166 -4.61 -9.18 -4.02
C ILE A 166 -3.76 -7.91 -4.12
N PHE A 167 -3.45 -7.54 -5.36
CA PHE A 167 -2.73 -6.30 -5.65
C PHE A 167 -3.73 -5.29 -6.19
N ILE A 168 -3.75 -4.10 -5.61
CA ILE A 168 -4.69 -3.08 -6.06
C ILE A 168 -3.96 -2.16 -7.04
N ASN A 169 -4.36 -2.21 -8.30
CA ASN A 169 -3.77 -1.35 -9.32
C ASN A 169 -4.20 0.09 -9.10
N THR A 170 -3.24 1.00 -9.06
CA THR A 170 -3.57 2.42 -8.94
C THR A 170 -2.94 3.30 -10.00
N LYS A 171 -1.90 2.83 -10.70
CA LYS A 171 -1.14 3.71 -11.58
C LYS A 171 -2.01 4.34 -12.67
N LEU A 172 -2.79 3.52 -13.38
CA LEU A 172 -3.60 4.07 -14.47
C LEU A 172 -4.57 5.12 -13.95
N PHE A 173 -5.20 4.83 -12.80
CA PHE A 173 -6.28 5.66 -12.30
C PHE A 173 -5.80 7.00 -11.75
N PHE A 174 -4.52 7.10 -11.41
CA PHE A 174 -3.96 8.34 -10.90
C PHE A 174 -2.94 8.96 -11.86
N SER A 175 -3.01 8.60 -13.14
CA SER A 175 -2.18 9.19 -14.18
C SER A 175 -3.07 9.83 -15.22
N VAL A 176 -2.51 10.80 -15.93
CA VAL A 176 -3.09 11.36 -17.15
C VAL A 176 -2.02 11.28 -18.22
N ASN A 177 -2.33 10.62 -19.34
CA ASN A 177 -1.36 10.37 -20.40
C ASN A 177 -0.08 9.75 -19.84
N ASP A 178 -0.25 8.78 -18.96
CA ASP A 178 0.85 8.00 -18.37
C ASP A 178 1.85 8.90 -17.65
N GLU A 179 1.35 9.92 -16.94
CA GLU A 179 2.19 10.78 -16.12
C GLU A 179 1.40 11.20 -14.89
N TYR A 180 2.13 11.54 -13.82
CA TYR A 180 1.51 12.09 -12.62
C TYR A 180 0.58 13.24 -12.97
N SER A 181 -0.55 13.33 -12.26
CA SER A 181 -1.43 14.48 -12.36
C SER A 181 -2.08 14.70 -11.00
N ALA A 182 -2.15 15.97 -10.57
CA ALA A 182 -2.87 16.27 -9.34
C ALA A 182 -4.38 16.21 -9.54
N TYR A 183 -4.85 16.34 -10.78
CA TYR A 183 -6.27 16.29 -11.10
C TYR A 183 -6.58 15.08 -11.97
N ILE A 184 -7.73 14.47 -11.73
CA ILE A 184 -8.26 13.42 -12.59
C ILE A 184 -9.74 13.71 -12.84
N LYS A 185 -10.33 12.96 -13.75
CA LYS A 185 -11.75 13.06 -14.05
C LYS A 185 -12.55 12.15 -13.12
N ASP A 186 -13.68 12.66 -12.63
CA ASP A 186 -14.54 11.88 -11.75
C ASP A 186 -15.54 11.06 -12.59
N GLU A 187 -16.40 10.31 -11.90
CA GLU A 187 -17.37 9.46 -12.57
C GLU A 187 -18.26 10.21 -13.54
N ASN A 188 -18.35 11.54 -13.40
CA ASN A 188 -19.13 12.38 -14.30
C ASN A 188 -18.25 13.16 -15.27
N ASN A 189 -17.01 12.73 -15.47
CA ASN A 189 -16.07 13.36 -16.40
C ASN A 189 -15.78 14.82 -16.03
N ARG A 190 -15.77 15.13 -14.75
CA ARG A 190 -15.40 16.44 -14.24
C ARG A 190 -14.06 16.38 -13.53
N SER A 191 -13.29 17.47 -13.63
CA SER A 191 -11.94 17.51 -13.07
C SER A 191 -11.99 17.64 -11.55
N ILE A 192 -11.22 16.81 -10.85
CA ILE A 192 -11.18 16.81 -9.39
C ILE A 192 -9.73 16.74 -8.94
N LYS A 193 -9.38 17.55 -7.94
CA LYS A 193 -8.04 17.53 -7.36
C LYS A 193 -7.95 16.34 -6.41
N VAL A 194 -7.10 15.36 -6.76
CA VAL A 194 -6.96 14.15 -5.95
C VAL A 194 -5.65 14.06 -5.20
N ARG A 195 -4.66 14.90 -5.50
CA ARG A 195 -3.38 14.86 -4.80
C ARG A 195 -3.10 16.20 -4.14
N THR A 196 -2.47 16.15 -2.98
CA THR A 196 -2.12 17.38 -2.29
C THR A 196 -0.90 18.02 -2.92
N ASP A 197 -0.64 19.27 -2.54
CA ASP A 197 0.38 20.05 -3.23
C ASP A 197 1.79 19.51 -3.01
N ASP A 198 1.99 18.64 -2.02
CA ASP A 198 3.31 18.03 -1.89
C ASP A 198 3.60 17.00 -2.97
N GLY A 199 2.62 16.72 -3.84
CA GLY A 199 2.82 15.80 -4.94
C GLY A 199 2.93 14.36 -4.53
N VAL A 200 2.45 14.01 -3.34
CA VAL A 200 2.57 12.65 -2.82
C VAL A 200 1.24 12.20 -2.23
N HIS A 201 0.66 13.00 -1.33
CA HIS A 201 -0.47 12.54 -0.55
C HIS A 201 -1.79 12.81 -1.27
N PHE A 202 -2.90 12.54 -0.61
CA PHE A 202 -4.22 12.57 -1.21
C PHE A 202 -5.10 13.64 -0.57
N THR A 203 -5.89 14.31 -1.41
CA THR A 203 -7.01 15.09 -0.95
C THR A 203 -8.11 14.12 -0.51
N PRO A 204 -9.14 14.61 0.19
CA PRO A 204 -10.27 13.73 0.50
C PRO A 204 -10.83 13.02 -0.72
N SER A 205 -10.93 13.71 -1.86
CA SER A 205 -11.41 13.07 -3.08
C SER A 205 -10.45 11.98 -3.54
N GLY A 206 -9.16 12.23 -3.46
CA GLY A 206 -8.19 11.21 -3.84
C GLY A 206 -8.28 9.99 -2.94
N ALA A 207 -8.47 10.23 -1.64
CA ALA A 207 -8.62 9.12 -0.70
C ALA A 207 -9.85 8.28 -1.05
N ARG A 208 -10.96 8.93 -1.41
CA ARG A 208 -12.14 8.20 -1.83
C ARG A 208 -11.89 7.37 -3.08
N GLU A 209 -11.09 7.90 -4.02
CA GLU A 209 -10.80 7.12 -5.23
C GLU A 209 -9.95 5.89 -4.90
N MET A 210 -8.96 6.05 -4.01
CA MET A 210 -8.17 4.91 -3.56
C MET A 210 -9.06 3.87 -2.88
N SER A 211 -9.99 4.32 -2.04
CA SER A 211 -10.88 3.39 -1.36
C SER A 211 -11.74 2.62 -2.36
N LYS A 212 -12.26 3.33 -3.38
CA LYS A 212 -13.07 2.68 -4.41
C LYS A 212 -12.30 1.56 -5.10
N LEU A 213 -10.99 1.76 -5.30
CA LEU A 213 -10.19 0.75 -5.99
C LEU A 213 -10.08 -0.53 -5.16
N LEU A 214 -10.00 -0.40 -3.84
CA LEU A 214 -10.07 -1.59 -3.00
C LEU A 214 -11.45 -2.22 -3.06
N LEU A 215 -12.50 -1.40 -2.93
CA LEU A 215 -13.85 -1.95 -2.93
C LEU A 215 -14.16 -2.68 -4.23
N GLU A 216 -13.47 -2.32 -5.32
CA GLU A 216 -13.68 -3.03 -6.58
C GLU A 216 -13.04 -4.41 -6.60
N HIS A 217 -12.36 -4.79 -5.52
CA HIS A 217 -11.88 -6.16 -5.33
C HIS A 217 -12.72 -6.93 -4.32
N ILE A 218 -13.89 -6.43 -3.96
CA ILE A 218 -14.78 -7.10 -3.03
C ILE A 218 -16.12 -7.32 -3.71
N LYS A 219 -16.62 -8.54 -3.66
CA LYS A 219 -17.85 -8.90 -4.35
C LYS A 219 -19.07 -8.43 -3.58
S SO4 B . 16.26 -7.70 7.87
O1 SO4 B . 17.26 -6.75 7.39
O2 SO4 B . 16.06 -7.52 9.31
O3 SO4 B . 16.72 -9.06 7.59
O4 SO4 B . 14.98 -7.46 7.20
S SO4 C . -12.48 14.62 5.41
O1 SO4 C . -12.88 14.34 6.78
O2 SO4 C . -12.94 15.95 5.03
O3 SO4 C . -11.02 14.58 5.31
O4 SO4 C . -13.07 13.64 4.52
#